data_6GMR
#
_entry.id   6GMR
#
_cell.length_a   59.880
_cell.length_b   59.880
_cell.length_c   246.140
_cell.angle_alpha   90.00
_cell.angle_beta   90.00
_cell.angle_gamma   90.00
#
_symmetry.space_group_name_H-M   'P 43 21 2'
#
loop_
_entity.id
_entity.type
_entity.pdbx_description
1 polymer Elongin-B
2 polymer Elongin-C
3 polymer 'Hypoxia inducible factor 1alpha, residues 559-577'
4 polymer 'von Hippel-Lindau disease tumor suppressor'
5 non-polymer 'SULFATE ION'
6 non-polymer (4-pyrrol-1-ylphenyl)methanol
7 non-polymer GLYCEROL
8 water water
#
loop_
_entity_poly.entity_id
_entity_poly.type
_entity_poly.pdbx_seq_one_letter_code
_entity_poly.pdbx_strand_id
1 'polypeptide(L)'
;MDVFLMIRRHKTTIFTDAKESSTVFELKRIVEGILKRPPDEQRLYKDDQLLDDGKTLGECGFTSQTARPQAPATVGLAFR
ADDTFEALCIEPFSSPPELPDVMKPQDSGSSANEQAVQ
;
B
2 'polypeptide(L)'
;MMYVKLISSDGHEFIVKREHALTSGTIKAMLSGPGQFAENETNEVNFREIPSHVLSKVCMYFTYKVRYTNSSTEIPEFPI
APEIALELLMAANFLDC
;
C
3 'polypeptide(L)' DEALA(HYP)YIPMDDDFQLRSF H
4 'polypeptide(L)'
;GSHMEAGRPRPVLRSVNSREPSQVIFCNRSPRVVLPVWLNFDGEPQPYPTLPPGTGRRIHSYRGHLWLFRDAGTHDGLLV
NQTELFVPSLNVDGQPIFANITLPVYTLKERCLQVVRSLVKPENYRRLDIVRSLYEDLEDHPNVQKDLERLTQERIAHQR
MGD
;
V
#
loop_
_chem_comp.id
_chem_comp.type
_chem_comp.name
_chem_comp.formula
F4K non-polymer (4-pyrrol-1-ylphenyl)methanol 'C11 H11 N O'
GOL non-polymer GLYCEROL 'C3 H8 O3'
SO4 non-polymer 'SULFATE ION' 'O4 S -2'
#
# COMPACT_ATOMS: atom_id res chain seq x y z
N MET A 1 4.25 -8.72 -16.62
CA MET A 1 3.68 -7.43 -16.22
C MET A 1 4.80 -6.39 -16.09
N ASP A 2 4.59 -5.41 -15.21
CA ASP A 2 5.62 -4.45 -14.89
C ASP A 2 6.45 -4.93 -13.71
N VAL A 3 7.73 -4.56 -13.72
CA VAL A 3 8.62 -4.73 -12.58
C VAL A 3 8.94 -3.34 -12.03
N PHE A 4 9.00 -3.24 -10.71
CA PHE A 4 9.26 -1.97 -10.04
C PHE A 4 10.67 -2.00 -9.47
N LEU A 5 11.47 -0.99 -9.83
CA LEU A 5 12.90 -1.04 -9.61
C LEU A 5 13.40 0.17 -8.83
N MET A 6 14.56 -0.02 -8.21
CA MET A 6 15.42 1.05 -7.71
C MET A 6 16.73 0.90 -8.45
N ILE A 7 17.09 1.89 -9.27
CA ILE A 7 18.38 1.89 -9.96
C ILE A 7 19.35 2.72 -9.14
N ARG A 8 20.45 2.10 -8.67
CA ARG A 8 21.25 2.69 -7.62
C ARG A 8 22.71 2.79 -8.02
N ARG A 9 23.28 3.98 -7.82
CA ARG A 9 24.71 4.24 -8.00
C ARG A 9 25.14 5.25 -6.96
N HIS A 10 26.17 4.92 -6.18
CA HIS A 10 26.70 5.79 -5.12
C HIS A 10 25.61 6.21 -4.16
N LYS A 11 25.28 7.51 -4.12
CA LYS A 11 24.20 8.03 -3.29
C LYS A 11 23.00 8.47 -4.11
N THR A 12 22.83 7.88 -5.30
CA THR A 12 21.72 8.19 -6.20
C THR A 12 20.82 6.95 -6.33
N THR A 13 19.51 7.16 -6.22
CA THR A 13 18.53 6.09 -6.38
C THR A 13 17.41 6.58 -7.28
N ILE A 14 17.18 5.88 -8.39
CA ILE A 14 16.09 6.20 -9.31
C ILE A 14 14.99 5.18 -9.11
N PHE A 15 13.77 5.66 -8.81
CA PHE A 15 12.61 4.81 -8.74
C PHE A 15 11.93 4.80 -10.10
N THR A 16 11.83 3.64 -10.74
CA THR A 16 11.09 3.56 -12.00
C THR A 16 10.49 2.18 -12.16
N ASP A 17 9.63 2.05 -13.15
CA ASP A 17 9.07 0.77 -13.53
C ASP A 17 9.38 0.51 -14.98
N ALA A 18 9.33 -0.77 -15.34
CA ALA A 18 9.57 -1.20 -16.71
C ALA A 18 8.83 -2.50 -16.93
N LYS A 19 8.58 -2.83 -18.19
CA LYS A 19 7.93 -4.09 -18.51
C LYS A 19 8.91 -5.24 -18.39
N GLU A 20 8.43 -6.37 -17.88
CA GLU A 20 9.24 -7.58 -17.87
C GLU A 20 9.79 -7.90 -19.24
N SER A 21 9.03 -7.58 -20.29
CA SER A 21 9.43 -7.85 -21.65
C SER A 21 10.40 -6.82 -22.22
N SER A 22 10.67 -5.73 -21.51
CA SER A 22 11.60 -4.74 -22.03
C SER A 22 13.04 -5.16 -21.75
N THR A 23 13.98 -4.57 -22.47
CA THR A 23 15.36 -5.03 -22.43
C THR A 23 16.25 -4.17 -21.52
N VAL A 24 17.40 -4.74 -21.19
CA VAL A 24 18.41 -4.01 -20.43
C VAL A 24 18.80 -2.74 -21.18
N PHE A 25 19.01 -2.85 -22.50
CA PHE A 25 19.32 -1.68 -23.31
C PHE A 25 18.22 -0.62 -23.19
N GLU A 26 16.96 -1.04 -23.22
CA GLU A 26 15.87 -0.09 -23.05
C GLU A 26 15.94 0.58 -21.69
N LEU A 27 16.29 -0.17 -20.64
CA LEU A 27 16.43 0.45 -19.31
C LEU A 27 17.56 1.46 -19.31
N LYS A 28 18.65 1.17 -20.01
CA LYS A 28 19.73 2.14 -20.09
C LYS A 28 19.26 3.44 -20.74
N ARG A 29 18.34 3.33 -21.72
CA ARG A 29 17.79 4.54 -22.33
C ARG A 29 16.97 5.35 -21.33
N ILE A 30 16.28 4.68 -20.39
CA ILE A 30 15.57 5.40 -19.33
C ILE A 30 16.57 6.21 -18.51
N VAL A 31 17.63 5.55 -18.05
CA VAL A 31 18.64 6.23 -17.24
C VAL A 31 19.25 7.39 -17.99
N GLU A 32 19.43 7.23 -19.30
CA GLU A 32 20.00 8.31 -20.12
C GLU A 32 19.16 9.57 -20.05
N GLY A 33 17.84 9.43 -20.13
CA GLY A 33 16.97 10.59 -20.08
C GLY A 33 17.00 11.31 -18.75
N ILE A 34 17.27 10.58 -17.66
CA ILE A 34 17.28 11.17 -16.33
C ILE A 34 18.66 11.69 -15.94
N LEU A 35 19.70 10.87 -16.11
CA LEU A 35 21.04 11.26 -15.67
C LEU A 35 21.91 11.80 -16.79
N LYS A 36 21.38 11.92 -18.01
CA LYS A 36 22.08 12.53 -19.15
C LYS A 36 23.43 11.86 -19.42
N ARG A 37 23.43 10.53 -19.42
CA ARG A 37 24.60 9.74 -19.79
C ARG A 37 24.15 8.63 -20.74
N PRO A 38 24.85 8.43 -21.85
CA PRO A 38 24.34 7.54 -22.92
C PRO A 38 24.51 6.07 -22.56
N PRO A 39 23.79 5.16 -23.25
CA PRO A 39 23.83 3.73 -22.86
C PRO A 39 25.23 3.13 -22.84
N ASP A 40 26.10 3.51 -23.78
CA ASP A 40 27.45 2.95 -23.80
C ASP A 40 28.35 3.52 -22.71
N GLU A 41 27.87 4.49 -21.93
CA GLU A 41 28.54 4.96 -20.72
C GLU A 41 27.92 4.37 -19.45
N GLN A 42 27.10 3.32 -19.58
CA GLN A 42 26.39 2.71 -18.45
C GLN A 42 26.60 1.21 -18.39
N ARG A 43 26.60 0.68 -17.16
N ARG A 43 26.59 0.70 -17.16
CA ARG A 43 26.59 -0.75 -16.91
CA ARG A 43 26.58 -0.74 -16.89
C ARG A 43 25.56 -1.04 -15.82
C ARG A 43 25.54 -1.01 -15.83
N LEU A 44 24.66 -1.97 -16.09
CA LEU A 44 23.60 -2.34 -15.15
C LEU A 44 23.87 -3.73 -14.57
N TYR A 45 23.47 -3.92 -13.32
CA TYR A 45 23.81 -5.11 -12.54
C TYR A 45 22.61 -5.61 -11.74
N LYS A 46 22.43 -6.94 -11.72
N LYS A 46 22.45 -6.93 -11.72
CA LYS A 46 21.56 -7.60 -10.75
CA LYS A 46 21.58 -7.61 -10.75
C LYS A 46 22.48 -8.31 -9.76
C LYS A 46 22.49 -8.31 -9.76
N ASP A 47 22.59 -7.77 -8.55
CA ASP A 47 23.59 -8.15 -7.56
C ASP A 47 24.95 -7.88 -8.20
N ASP A 48 25.85 -8.85 -8.32
CA ASP A 48 27.15 -8.64 -8.97
C ASP A 48 27.16 -9.02 -10.45
N GLN A 49 26.04 -9.47 -10.98
CA GLN A 49 25.99 -9.98 -12.35
C GLN A 49 25.73 -8.83 -13.32
N LEU A 50 26.68 -8.56 -14.20
CA LEU A 50 26.49 -7.57 -15.24
C LEU A 50 25.43 -8.04 -16.21
N LEU A 51 24.52 -7.14 -16.61
CA LEU A 51 23.38 -7.51 -17.42
C LEU A 51 23.64 -7.16 -18.89
N ASP A 52 23.37 -8.12 -19.78
CA ASP A 52 23.60 -7.94 -21.21
C ASP A 52 22.48 -7.11 -21.83
N ASP A 53 22.88 -6.20 -22.73
CA ASP A 53 21.98 -5.24 -23.34
C ASP A 53 20.75 -5.89 -23.97
N GLY A 54 20.92 -7.04 -24.62
CA GLY A 54 19.86 -7.65 -25.39
C GLY A 54 18.90 -8.52 -24.62
N LYS A 55 19.18 -8.79 -23.36
CA LYS A 55 18.31 -9.61 -22.53
C LYS A 55 17.13 -8.79 -22.03
N THR A 56 15.96 -9.44 -21.94
CA THR A 56 14.86 -8.76 -21.28
C THR A 56 15.04 -8.81 -19.76
N LEU A 57 14.32 -7.93 -19.07
CA LEU A 57 14.43 -7.91 -17.62
C LEU A 57 13.95 -9.22 -17.02
N GLY A 58 12.88 -9.79 -17.59
CA GLY A 58 12.44 -11.11 -17.13
C GLY A 58 13.51 -12.16 -17.30
N GLU A 59 14.20 -12.14 -18.44
CA GLU A 59 15.28 -13.08 -18.70
C GLU A 59 16.48 -12.87 -17.78
N CYS A 60 16.62 -11.67 -17.18
CA CYS A 60 17.69 -11.46 -16.21
C CYS A 60 17.32 -11.94 -14.82
N GLY A 61 16.07 -12.32 -14.57
CA GLY A 61 15.63 -12.73 -13.26
C GLY A 61 14.71 -11.77 -12.55
N PHE A 62 14.35 -10.65 -13.16
CA PHE A 62 13.41 -9.71 -12.56
C PHE A 62 12.00 -10.15 -12.92
N THR A 63 11.18 -10.40 -11.90
CA THR A 63 9.81 -10.83 -12.11
C THR A 63 8.86 -9.90 -11.37
N SER A 64 7.69 -9.66 -11.99
CA SER A 64 6.68 -8.81 -11.36
C SER A 64 6.26 -9.31 -9.99
N GLN A 65 6.34 -10.63 -9.76
CA GLN A 65 5.91 -11.17 -8.47
C GLN A 65 6.80 -10.68 -7.32
N THR A 66 8.09 -10.47 -7.57
CA THR A 66 9.00 -10.03 -6.52
C THR A 66 9.43 -8.57 -6.63
N ALA A 67 9.38 -7.97 -7.82
CA ALA A 67 9.77 -6.56 -7.98
C ALA A 67 8.50 -5.70 -7.93
N ARG A 68 8.01 -5.48 -6.70
CA ARG A 68 6.70 -4.85 -6.52
C ARG A 68 6.82 -3.39 -6.08
N PRO A 69 5.75 -2.60 -6.24
CA PRO A 69 5.85 -1.16 -5.91
C PRO A 69 6.34 -0.89 -4.50
N GLN A 70 5.84 -1.63 -3.52
CA GLN A 70 6.16 -1.41 -2.12
C GLN A 70 7.46 -2.09 -1.70
N ALA A 71 8.10 -2.83 -2.60
CA ALA A 71 9.34 -3.55 -2.34
C ALA A 71 10.06 -3.74 -3.66
N PRO A 72 10.62 -2.68 -4.22
CA PRO A 72 11.22 -2.78 -5.55
C PRO A 72 12.57 -3.47 -5.55
N ALA A 73 12.87 -4.12 -6.67
CA ALA A 73 14.15 -4.80 -6.88
C ALA A 73 15.23 -3.78 -7.21
N THR A 74 16.46 -4.08 -6.79
CA THR A 74 17.58 -3.17 -6.98
C THR A 74 18.34 -3.54 -8.24
N VAL A 75 18.61 -2.54 -9.08
CA VAL A 75 19.50 -2.68 -10.23
C VAL A 75 20.71 -1.80 -9.95
N GLY A 76 21.91 -2.39 -10.01
CA GLY A 76 23.12 -1.61 -9.78
C GLY A 76 23.55 -0.90 -11.06
N LEU A 77 24.05 0.33 -10.89
CA LEU A 77 24.46 1.16 -12.02
C LEU A 77 25.87 1.69 -11.81
N ALA A 78 26.68 1.65 -12.87
CA ALA A 78 28.03 2.19 -12.87
C ALA A 78 28.23 3.03 -14.12
N PHE A 79 29.05 4.07 -14.02
CA PHE A 79 29.28 4.99 -15.13
C PHE A 79 30.69 4.83 -15.70
N ARG A 80 30.84 5.13 -17.00
CA ARG A 80 32.15 5.18 -17.65
C ARG A 80 32.66 6.61 -17.61
N ALA A 81 33.62 6.87 -16.72
CA ALA A 81 34.26 8.17 -16.62
C ALA A 81 35.43 8.21 -17.59
N ASP A 82 35.35 9.08 -18.59
CA ASP A 82 36.35 9.20 -19.65
C ASP A 82 36.47 7.89 -20.43
N ASP A 83 37.51 7.10 -20.11
CA ASP A 83 37.81 5.88 -20.85
C ASP A 83 37.31 4.62 -20.16
N THR A 84 37.30 4.60 -18.84
CA THR A 84 37.15 3.39 -18.04
C THR A 84 35.82 3.42 -17.31
N PHE A 85 35.25 2.23 -17.11
CA PHE A 85 34.07 2.11 -16.25
C PHE A 85 34.48 2.06 -14.79
N GLU A 86 33.75 2.78 -13.94
CA GLU A 86 33.96 2.71 -12.50
C GLU A 86 33.50 1.36 -11.97
N ALA A 87 34.02 0.99 -10.80
CA ALA A 87 33.55 -0.21 -10.13
C ALA A 87 32.17 0.05 -9.51
N LEU A 88 31.34 -0.99 -9.47
CA LEU A 88 29.99 -0.83 -8.94
C LEU A 88 30.06 -0.54 -7.45
N CYS A 89 29.46 0.58 -7.05
CA CYS A 89 29.48 1.00 -5.64
C CYS A 89 28.14 1.65 -5.31
N ILE A 90 27.40 1.07 -4.38
CA ILE A 90 26.11 1.57 -3.90
C ILE A 90 26.24 1.84 -2.40
N GLU A 91 26.01 3.11 -2.00
CA GLU A 91 26.14 3.40 -0.57
C GLU A 91 24.86 3.02 0.17
N PRO A 92 24.97 2.35 1.31
CA PRO A 92 23.76 1.94 2.03
C PRO A 92 23.01 3.15 2.57
N PHE A 93 21.71 2.98 2.76
CA PHE A 93 20.93 4.00 3.44
C PHE A 93 21.32 4.06 4.91
N SER A 94 20.74 5.02 5.64
CA SER A 94 21.01 5.18 7.05
C SER A 94 20.44 4.00 7.86
N SER A 95 20.90 3.89 9.15
CA SER A 95 20.55 2.79 10.04
C SER A 95 19.42 3.19 10.98
N PRO A 96 18.34 2.41 11.04
CA PRO A 96 17.23 2.72 11.95
C PRO A 96 17.68 2.63 13.40
N PRO A 97 17.17 3.52 14.26
CA PRO A 97 17.57 3.51 15.67
C PRO A 97 16.89 2.36 16.43
N GLU A 98 17.30 2.21 17.68
CA GLU A 98 16.73 1.18 18.54
C GLU A 98 15.26 1.49 18.82
N LEU A 99 14.45 0.44 18.83
CA LEU A 99 13.05 0.57 19.19
C LEU A 99 12.94 1.11 20.62
N PRO A 100 12.06 2.08 20.89
CA PRO A 100 11.89 2.56 22.26
C PRO A 100 11.23 1.49 23.14
N ASP A 101 11.40 1.66 24.46
CA ASP A 101 10.96 0.65 25.41
C ASP A 101 9.48 0.34 25.26
N VAL A 102 8.64 1.37 25.08
CA VAL A 102 7.20 1.16 25.00
C VAL A 102 6.76 0.53 23.69
N MET A 103 7.66 0.35 22.73
CA MET A 103 7.36 -0.38 21.50
C MET A 103 7.91 -1.80 21.49
N LYS A 104 8.68 -2.19 22.53
CA LYS A 104 9.20 -3.54 22.69
C LYS A 104 8.20 -4.41 23.44
N PRO A 105 8.23 -5.75 23.23
CA PRO A 105 7.33 -6.63 23.96
C PRO A 105 7.71 -6.76 25.44
N MET B 1 8.71 10.82 -18.88
CA MET B 1 7.96 11.73 -18.01
C MET B 1 8.86 12.81 -17.43
N MET B 2 8.34 13.54 -16.44
CA MET B 2 9.14 14.48 -15.67
C MET B 2 9.48 13.87 -14.32
N TYR B 3 10.57 14.34 -13.72
CA TYR B 3 11.09 13.76 -12.49
C TYR B 3 11.43 14.88 -11.53
N VAL B 4 11.40 14.56 -10.24
CA VAL B 4 11.90 15.45 -9.21
C VAL B 4 12.90 14.69 -8.34
N LYS B 5 13.81 15.44 -7.71
CA LYS B 5 14.88 14.87 -6.91
C LYS B 5 14.63 15.24 -5.45
N LEU B 6 14.56 14.22 -4.59
CA LEU B 6 14.37 14.44 -3.16
C LEU B 6 15.66 14.06 -2.44
N ILE B 7 16.17 14.97 -1.61
CA ILE B 7 17.45 14.80 -0.90
C ILE B 7 17.17 14.56 0.58
N SER B 8 17.75 13.49 1.13
CA SER B 8 17.58 13.16 2.52
C SER B 8 18.68 13.79 3.37
N SER B 9 18.61 13.57 4.69
CA SER B 9 19.51 14.24 5.62
C SER B 9 20.96 13.81 5.43
N ASP B 10 21.20 12.56 5.02
CA ASP B 10 22.57 12.08 4.83
C ASP B 10 23.06 12.21 3.39
N GLY B 11 22.36 12.99 2.57
CA GLY B 11 22.82 13.27 1.22
C GLY B 11 22.39 12.28 0.16
N HIS B 12 21.58 11.28 0.50
CA HIS B 12 21.07 10.39 -0.54
C HIS B 12 20.08 11.15 -1.42
N GLU B 13 20.17 10.92 -2.72
CA GLU B 13 19.30 11.56 -3.69
C GLU B 13 18.31 10.52 -4.22
N PHE B 14 17.02 10.85 -4.17
CA PHE B 14 15.97 9.96 -4.65
C PHE B 14 15.24 10.64 -5.81
N ILE B 15 15.32 10.03 -7.00
CA ILE B 15 14.69 10.56 -8.19
C ILE B 15 13.44 9.75 -8.46
N VAL B 16 12.27 10.41 -8.45
CA VAL B 16 10.99 9.77 -8.63
C VAL B 16 10.20 10.53 -9.69
N LYS B 17 9.26 9.82 -10.32
CA LYS B 17 8.38 10.50 -11.26
C LYS B 17 7.66 11.64 -10.57
N ARG B 18 7.58 12.79 -11.26
CA ARG B 18 6.94 13.96 -10.67
C ARG B 18 5.49 13.66 -10.27
N GLU B 19 4.75 12.95 -11.13
CA GLU B 19 3.39 12.53 -10.78
C GLU B 19 3.36 11.76 -9.47
N HIS B 20 4.35 10.89 -9.24
CA HIS B 20 4.38 10.09 -8.01
C HIS B 20 4.64 10.98 -6.80
N ALA B 21 5.58 11.92 -6.92
CA ALA B 21 5.88 12.81 -5.80
C ALA B 21 4.70 13.68 -5.39
N LEU B 22 3.78 13.95 -6.33
CA LEU B 22 2.59 14.72 -5.99
C LEU B 22 1.61 13.95 -5.11
N THR B 23 1.88 12.66 -4.88
CA THR B 23 1.20 11.90 -3.83
C THR B 23 1.28 12.64 -2.50
N SER B 24 2.41 13.28 -2.23
CA SER B 24 2.58 14.07 -1.02
C SER B 24 1.88 15.41 -1.19
N GLY B 25 0.92 15.70 -0.32
CA GLY B 25 0.26 17.00 -0.40
C GLY B 25 1.21 18.16 -0.16
N THR B 26 2.24 17.93 0.66
CA THR B 26 3.25 18.94 0.89
C THR B 26 4.06 19.23 -0.37
N ILE B 27 4.51 18.19 -1.08
CA ILE B 27 5.29 18.41 -2.30
C ILE B 27 4.39 18.99 -3.39
N LYS B 28 3.15 18.50 -3.51
CA LYS B 28 2.22 19.04 -4.50
C LYS B 28 2.06 20.55 -4.36
N ALA B 29 1.91 21.03 -3.12
CA ALA B 29 1.74 22.46 -2.88
C ALA B 29 3.00 23.24 -3.19
N MET B 30 4.18 22.65 -2.97
CA MET B 30 5.43 23.36 -3.28
C MET B 30 5.64 23.51 -4.78
N LEU B 31 5.17 22.55 -5.57
CA LEU B 31 5.46 22.54 -7.01
C LEU B 31 4.26 22.97 -7.85
N SER B 32 3.22 23.52 -7.24
CA SER B 32 1.95 23.79 -7.90
C SER B 32 1.93 25.10 -8.67
N GLY B 33 3.03 25.86 -8.70
CA GLY B 33 3.03 27.19 -9.27
C GLY B 33 3.00 27.18 -10.79
N PRO B 34 2.90 28.37 -11.40
CA PRO B 34 2.89 28.42 -12.87
C PRO B 34 4.25 28.09 -13.46
N ASN B 43 13.26 19.34 -11.21
CA ASN B 43 13.13 19.99 -9.91
C ASN B 43 13.94 19.26 -8.86
N GLU B 44 14.13 19.91 -7.71
CA GLU B 44 14.91 19.37 -6.61
C GLU B 44 14.31 19.88 -5.31
N VAL B 45 14.11 18.98 -4.35
CA VAL B 45 13.54 19.34 -3.06
C VAL B 45 14.42 18.76 -1.95
N ASN B 46 14.83 19.62 -1.02
CA ASN B 46 15.71 19.22 0.07
C ASN B 46 14.86 18.85 1.29
N PHE B 47 15.02 17.62 1.77
CA PHE B 47 14.38 17.23 3.03
C PHE B 47 15.43 16.82 4.05
N ARG B 48 16.30 17.75 4.45
CA ARG B 48 17.42 17.48 5.34
C ARG B 48 16.98 16.99 6.72
N GLU B 49 15.69 16.90 6.96
CA GLU B 49 15.15 16.43 8.23
C GLU B 49 14.81 14.95 8.20
N ILE B 50 14.73 14.35 7.02
CA ILE B 50 14.27 12.97 6.85
C ILE B 50 15.48 12.12 6.47
N PRO B 51 15.81 11.10 7.27
CA PRO B 51 16.95 10.24 6.92
C PRO B 51 16.62 9.31 5.75
N SER B 52 17.68 8.80 5.11
CA SER B 52 17.51 7.99 3.89
C SER B 52 16.73 6.70 4.14
N HIS B 53 16.85 6.10 5.33
CA HIS B 53 16.11 4.86 5.56
C HIS B 53 14.61 5.11 5.68
N VAL B 54 14.20 6.36 5.89
CA VAL B 54 12.80 6.77 5.90
C VAL B 54 12.36 7.29 4.53
N LEU B 55 13.14 8.19 3.94
CA LEU B 55 12.74 8.79 2.67
C LEU B 55 12.65 7.75 1.55
N SER B 56 13.52 6.74 1.55
CA SER B 56 13.41 5.67 0.54
C SER B 56 12.07 4.97 0.66
N LYS B 57 11.60 4.73 1.89
CA LYS B 57 10.32 4.07 2.10
C LYS B 57 9.18 4.98 1.66
N VAL B 58 9.32 6.29 1.88
CA VAL B 58 8.33 7.24 1.39
C VAL B 58 8.17 7.14 -0.12
N CYS B 59 9.30 7.07 -0.85
CA CYS B 59 9.21 6.96 -2.30
C CYS B 59 8.56 5.65 -2.72
N MET B 60 8.85 4.56 -2.00
CA MET B 60 8.17 3.30 -2.24
C MET B 60 6.66 3.47 -2.06
N TYR B 61 6.25 4.24 -1.04
CA TYR B 61 4.81 4.46 -0.86
C TYR B 61 4.24 5.21 -2.05
N PHE B 62 4.96 6.21 -2.56
CA PHE B 62 4.50 6.92 -3.76
C PHE B 62 4.19 5.92 -4.88
N THR B 63 5.13 5.02 -5.15
CA THR B 63 4.95 4.05 -6.23
C THR B 63 3.72 3.20 -5.98
N TYR B 64 3.61 2.72 -4.74
CA TYR B 64 2.51 1.89 -4.28
C TYR B 64 1.17 2.59 -4.43
N LYS B 65 1.07 3.83 -3.96
CA LYS B 65 -0.20 4.53 -4.05
C LYS B 65 -0.62 4.74 -5.50
N VAL B 66 0.31 5.13 -6.39
CA VAL B 66 -0.08 5.36 -7.77
C VAL B 66 -0.51 4.06 -8.43
N ARG B 67 0.17 2.96 -8.12
CA ARG B 67 -0.14 1.69 -8.76
C ARG B 67 -1.50 1.17 -8.31
N TYR B 68 -1.78 1.18 -7.01
CA TYR B 68 -2.93 0.45 -6.51
C TYR B 68 -4.19 1.29 -6.34
N THR B 69 -4.11 2.61 -6.46
CA THR B 69 -5.30 3.43 -6.45
C THR B 69 -6.12 3.18 -7.72
N ASN B 70 -7.44 3.08 -7.56
CA ASN B 70 -8.37 2.82 -8.67
C ASN B 70 -8.05 1.51 -9.38
N SER B 71 -7.67 0.50 -8.61
CA SER B 71 -7.39 -0.82 -9.17
C SER B 71 -8.29 -1.86 -8.52
N SER B 72 -8.73 -2.83 -9.32
CA SER B 72 -9.53 -3.94 -8.83
C SER B 72 -8.68 -5.11 -8.38
N THR B 73 -7.36 -5.01 -8.48
CA THR B 73 -6.50 -6.14 -8.15
C THR B 73 -6.40 -6.29 -6.62
N GLU B 74 -5.88 -7.43 -6.20
CA GLU B 74 -5.66 -7.66 -4.78
C GLU B 74 -4.51 -6.76 -4.31
N ILE B 75 -4.76 -5.97 -3.28
CA ILE B 75 -3.80 -4.97 -2.81
C ILE B 75 -2.88 -5.64 -1.79
N PRO B 76 -1.56 -5.64 -1.99
CA PRO B 76 -0.65 -6.16 -0.97
C PRO B 76 -0.48 -5.16 0.15
N GLU B 77 -0.15 -5.68 1.34
CA GLU B 77 0.11 -4.81 2.49
C GLU B 77 1.32 -3.91 2.22
N PHE B 78 1.25 -2.66 2.67
CA PHE B 78 2.46 -1.84 2.62
C PHE B 78 3.28 -2.13 3.87
N PRO B 79 4.48 -2.71 3.72
CA PRO B 79 5.22 -3.19 4.90
C PRO B 79 6.00 -2.08 5.59
N ILE B 80 5.95 -2.06 6.91
CA ILE B 80 6.65 -1.09 7.75
C ILE B 80 7.31 -1.83 8.90
N ALA B 81 8.63 -1.85 8.92
CA ALA B 81 9.30 -2.52 10.01
C ALA B 81 9.09 -1.73 11.30
N PRO B 82 8.91 -2.42 12.44
CA PRO B 82 8.74 -1.71 13.72
C PRO B 82 9.78 -0.61 13.96
N GLU B 83 11.05 -0.85 13.62
CA GLU B 83 12.10 0.11 13.93
C GLU B 83 12.08 1.38 13.07
N ILE B 84 11.27 1.46 12.01
CA ILE B 84 11.14 2.70 11.23
C ILE B 84 9.78 3.35 11.40
N ALA B 85 8.86 2.74 12.15
CA ALA B 85 7.46 3.19 12.13
C ALA B 85 7.31 4.59 12.70
N LEU B 86 8.04 4.91 13.77
CA LEU B 86 7.89 6.22 14.40
C LEU B 86 8.39 7.33 13.49
N GLU B 87 9.58 7.17 12.89
CA GLU B 87 10.07 8.19 11.98
C GLU B 87 9.24 8.27 10.70
N LEU B 88 8.80 7.12 10.17
CA LEU B 88 7.95 7.14 8.98
C LEU B 88 6.62 7.81 9.26
N LEU B 89 6.06 7.57 10.45
CA LEU B 89 4.84 8.26 10.84
C LEU B 89 5.04 9.78 10.82
N MET B 90 6.15 10.26 11.40
CA MET B 90 6.37 11.70 11.41
C MET B 90 6.64 12.23 10.01
N ALA B 91 7.28 11.42 9.16
CA ALA B 91 7.49 11.87 7.79
C ALA B 91 6.19 11.92 7.02
N ALA B 92 5.33 10.91 7.20
CA ALA B 92 4.03 10.91 6.54
C ALA B 92 3.17 12.08 7.00
N ASN B 93 3.23 12.39 8.30
CA ASN B 93 2.46 13.52 8.82
C ASN B 93 2.93 14.84 8.19
N PHE B 94 4.24 14.99 8.02
CA PHE B 94 4.85 16.23 7.52
C PHE B 94 4.69 16.34 6.01
N LEU B 95 4.76 15.22 5.30
CA LEU B 95 4.62 15.21 3.85
C LEU B 95 3.17 15.16 3.38
N ASP B 96 2.22 14.91 4.30
CA ASP B 96 0.77 14.80 3.99
C ASP B 96 0.50 13.73 2.92
N CYS B 97 0.80 12.49 3.28
CA CYS B 97 0.46 11.39 2.39
C CYS B 97 0.06 10.13 3.16
N GLU C 2 -41.77 -11.56 9.47
CA GLU C 2 -40.74 -12.35 10.13
C GLU C 2 -39.36 -12.00 9.58
N ALA C 3 -38.39 -11.78 10.48
CA ALA C 3 -37.07 -11.31 10.08
C ALA C 3 -36.13 -12.48 9.83
N LEU C 4 -35.52 -12.51 8.65
CA LEU C 4 -34.60 -13.58 8.26
C LEU C 4 -33.18 -13.03 8.17
N ALA C 5 -32.34 -13.40 9.13
CA ALA C 5 -30.94 -12.99 9.17
C ALA C 5 -30.08 -13.96 8.37
N HYP C 6 -28.96 -13.47 7.83
CA HYP C 6 -28.02 -14.34 7.15
C HYP C 6 -27.46 -15.44 8.04
O HYP C 6 -27.51 -15.34 9.27
CB HYP C 6 -26.90 -13.45 6.63
CG HYP C 6 -27.46 -12.05 6.67
CD HYP C 6 -28.51 -12.06 7.78
OD1 HYP C 6 -28.10 -11.85 5.43
N TYR C 7 -27.08 -16.56 7.44
CA TYR C 7 -26.49 -17.66 8.20
C TYR C 7 -25.46 -18.39 7.36
N ILE C 8 -24.67 -19.24 7.99
CA ILE C 8 -23.54 -19.89 7.33
C ILE C 8 -23.77 -21.39 7.31
N PRO C 9 -23.83 -22.02 6.14
CA PRO C 9 -23.98 -23.48 6.11
C PRO C 9 -22.73 -24.15 6.67
N MET C 10 -22.95 -25.21 7.44
CA MET C 10 -21.85 -26.01 7.98
C MET C 10 -21.14 -26.68 6.81
N ASP C 11 -20.02 -26.10 6.41
CA ASP C 11 -19.30 -26.47 5.19
C ASP C 11 -17.86 -25.99 5.37
N ASP C 12 -16.93 -26.73 4.79
CA ASP C 12 -15.53 -26.32 4.92
C ASP C 12 -15.27 -25.06 4.12
N ASP C 13 -14.40 -24.21 4.65
CA ASP C 13 -13.83 -23.12 3.89
C ASP C 13 -12.91 -23.69 2.81
N PHE C 14 -12.57 -22.85 1.86
CA PHE C 14 -11.65 -23.25 0.80
C PHE C 14 -10.53 -22.21 0.69
N GLN C 15 -9.42 -22.63 0.11
CA GLN C 15 -8.27 -21.76 -0.01
C GLN C 15 -8.31 -21.04 -1.35
N LEU C 16 -7.92 -19.77 -1.32
CA LEU C 16 -7.81 -18.97 -2.53
C LEU C 16 -6.37 -18.98 -3.01
N ARG C 17 -6.19 -18.90 -4.32
CA ARG C 17 -4.86 -18.87 -4.90
C ARG C 17 -4.78 -17.90 -6.08
N ARG D 10 -35.80 2.74 9.47
CA ARG D 10 -35.70 4.15 9.10
C ARG D 10 -34.28 4.74 8.85
N PRO D 11 -33.21 4.21 9.46
CA PRO D 11 -31.87 4.70 9.11
C PRO D 11 -31.59 4.46 7.63
N VAL D 12 -30.77 5.35 7.05
CA VAL D 12 -30.45 5.23 5.62
C VAL D 12 -29.65 3.95 5.35
N LEU D 13 -28.73 3.57 6.23
CA LEU D 13 -27.93 2.36 6.02
C LEU D 13 -28.47 1.21 6.86
N ARG D 14 -29.12 0.25 6.20
CA ARG D 14 -29.76 -0.87 6.89
C ARG D 14 -30.13 -1.93 5.85
N SER D 15 -30.28 -3.17 6.30
CA SER D 15 -30.79 -4.21 5.40
C SER D 15 -32.29 -4.04 5.24
N VAL D 16 -32.82 -4.54 4.12
CA VAL D 16 -34.26 -4.67 3.93
C VAL D 16 -34.65 -6.13 4.13
N ASN D 17 -35.73 -6.37 4.87
CA ASN D 17 -36.19 -7.72 5.15
C ASN D 17 -36.86 -8.29 3.91
N SER D 18 -36.08 -8.54 2.86
CA SER D 18 -36.66 -9.04 1.60
C SER D 18 -37.14 -10.47 1.71
N ARG D 19 -36.54 -11.26 2.59
CA ARG D 19 -36.78 -12.68 2.72
C ARG D 19 -36.50 -13.45 1.42
N GLU D 20 -35.79 -12.83 0.49
CA GLU D 20 -35.42 -13.46 -0.77
C GLU D 20 -34.00 -13.99 -0.68
N PRO D 21 -33.79 -15.30 -0.60
CA PRO D 21 -32.44 -15.83 -0.42
C PRO D 21 -31.50 -15.43 -1.55
N SER D 22 -30.24 -15.19 -1.18
CA SER D 22 -29.18 -14.90 -2.13
C SER D 22 -27.91 -15.57 -1.63
N GLN D 23 -27.38 -16.50 -2.42
CA GLN D 23 -26.14 -17.20 -2.07
C GLN D 23 -24.93 -16.32 -2.40
N VAL D 24 -23.99 -16.23 -1.47
CA VAL D 24 -22.87 -15.30 -1.57
C VAL D 24 -21.60 -16.02 -1.11
N ILE D 25 -20.47 -15.63 -1.71
CA ILE D 25 -19.17 -16.20 -1.38
C ILE D 25 -18.27 -15.08 -0.91
N PHE D 26 -17.93 -15.08 0.39
CA PHE D 26 -16.93 -14.15 0.91
C PHE D 26 -15.56 -14.66 0.51
N CYS D 27 -14.78 -13.84 -0.21
CA CYS D 27 -13.40 -14.18 -0.57
C CYS D 27 -12.46 -13.19 0.12
N ASN D 28 -11.71 -13.67 1.10
CA ASN D 28 -10.78 -12.81 1.83
C ASN D 28 -9.49 -12.73 1.03
N ARG D 29 -9.42 -11.74 0.16
CA ARG D 29 -8.23 -11.50 -0.65
C ARG D 29 -7.37 -10.42 -0.03
N SER D 30 -7.17 -10.53 1.28
CA SER D 30 -6.38 -9.61 2.09
C SER D 30 -5.51 -10.42 3.02
N PRO D 31 -4.47 -9.82 3.60
CA PRO D 31 -3.64 -10.51 4.59
C PRO D 31 -4.16 -10.43 6.02
N ARG D 32 -5.34 -9.88 6.22
CA ARG D 32 -5.92 -9.68 7.55
C ARG D 32 -6.92 -10.77 7.87
N VAL D 33 -7.10 -11.05 9.17
CA VAL D 33 -8.27 -11.80 9.60
C VAL D 33 -9.46 -10.86 9.44
N VAL D 34 -10.46 -11.27 8.66
CA VAL D 34 -11.57 -10.39 8.30
C VAL D 34 -12.78 -10.70 9.15
N LEU D 35 -13.38 -9.63 9.70
CA LEU D 35 -14.68 -9.69 10.39
C LEU D 35 -15.76 -9.23 9.43
N PRO D 36 -16.61 -10.12 8.94
CA PRO D 36 -17.81 -9.67 8.22
C PRO D 36 -18.79 -9.07 9.21
N VAL D 37 -19.42 -7.97 8.80
CA VAL D 37 -20.33 -7.21 9.65
C VAL D 37 -21.63 -7.02 8.87
N TRP D 38 -22.74 -7.51 9.43
CA TRP D 38 -24.05 -7.42 8.81
C TRP D 38 -24.83 -6.29 9.48
N LEU D 39 -25.37 -5.37 8.68
CA LEU D 39 -26.25 -4.34 9.21
C LEU D 39 -27.67 -4.90 9.31
N ASN D 40 -28.24 -4.91 10.50
CA ASN D 40 -29.56 -5.51 10.67
C ASN D 40 -30.63 -4.55 10.16
N PHE D 41 -31.90 -4.89 10.38
CA PHE D 41 -32.97 -4.11 9.77
C PHE D 41 -33.19 -2.80 10.48
N ASP D 42 -32.50 -2.55 11.59
CA ASP D 42 -32.49 -1.26 12.25
C ASP D 42 -31.15 -0.56 12.06
N GLY D 43 -30.30 -1.08 11.17
CA GLY D 43 -29.00 -0.51 10.91
C GLY D 43 -27.94 -0.80 11.94
N GLU D 44 -28.18 -1.74 12.85
CA GLU D 44 -27.16 -1.97 13.87
C GLU D 44 -26.17 -3.03 13.38
N PRO D 45 -24.87 -2.78 13.52
CA PRO D 45 -23.87 -3.75 13.01
C PRO D 45 -23.81 -5.00 13.87
N GLN D 46 -23.77 -6.17 13.21
CA GLN D 46 -23.71 -7.47 13.86
C GLN D 46 -22.51 -8.25 13.36
N PRO D 47 -21.73 -8.87 14.24
CA PRO D 47 -20.56 -9.61 13.77
C PRO D 47 -20.93 -11.01 13.29
N TYR D 48 -20.20 -11.48 12.28
CA TYR D 48 -20.29 -12.87 11.84
C TYR D 48 -18.92 -13.53 11.93
N PRO D 49 -18.87 -14.86 11.89
CA PRO D 49 -17.58 -15.57 12.04
C PRO D 49 -16.51 -15.04 11.12
N THR D 50 -15.28 -14.94 11.65
CA THR D 50 -14.19 -14.33 10.91
C THR D 50 -13.63 -15.26 9.83
N LEU D 51 -12.86 -14.66 8.94
CA LEU D 51 -12.30 -15.32 7.77
C LEU D 51 -10.79 -15.18 7.80
N PRO D 52 -10.04 -16.28 7.88
CA PRO D 52 -8.58 -16.20 7.79
C PRO D 52 -8.13 -15.64 6.45
N PRO D 53 -6.95 -15.04 6.40
CA PRO D 53 -6.45 -14.49 5.13
C PRO D 53 -6.36 -15.57 4.06
N GLY D 54 -6.69 -15.17 2.84
CA GLY D 54 -6.60 -16.07 1.70
C GLY D 54 -7.56 -17.23 1.72
N THR D 55 -8.74 -17.05 2.33
CA THR D 55 -9.73 -18.12 2.42
C THR D 55 -11.08 -17.60 1.96
N GLY D 56 -11.92 -18.52 1.48
CA GLY D 56 -13.27 -18.18 1.06
C GLY D 56 -14.33 -18.97 1.78
N ARG D 57 -15.57 -18.46 1.79
CA ARG D 57 -16.64 -19.12 2.52
C ARG D 57 -17.97 -18.84 1.85
N ARG D 58 -18.79 -19.89 1.69
CA ARG D 58 -20.16 -19.74 1.23
C ARG D 58 -21.05 -19.20 2.35
N ILE D 59 -21.93 -18.26 2.00
CA ILE D 59 -22.81 -17.56 2.93
C ILE D 59 -24.23 -17.65 2.40
N HIS D 60 -25.18 -17.87 3.30
CA HIS D 60 -26.60 -17.81 2.96
C HIS D 60 -27.10 -16.42 3.38
N SER D 61 -27.21 -15.52 2.40
CA SER D 61 -27.68 -14.17 2.68
C SER D 61 -28.99 -13.91 1.94
N TYR D 62 -29.34 -12.64 1.78
CA TYR D 62 -30.65 -12.28 1.26
C TYR D 62 -30.52 -11.02 0.42
N ARG D 63 -31.42 -10.87 -0.55
CA ARG D 63 -31.38 -9.70 -1.42
C ARG D 63 -31.59 -8.43 -0.61
N GLY D 64 -30.79 -7.41 -0.89
CA GLY D 64 -30.97 -6.13 -0.22
C GLY D 64 -30.42 -6.04 1.18
N HIS D 65 -29.73 -7.08 1.67
CA HIS D 65 -29.02 -6.95 2.93
C HIS D 65 -27.70 -6.21 2.71
N LEU D 66 -27.23 -5.53 3.76
CA LEU D 66 -26.01 -4.73 3.69
C LEU D 66 -24.91 -5.37 4.51
N TRP D 67 -23.72 -5.54 3.90
CA TRP D 67 -22.55 -6.07 4.58
C TRP D 67 -21.40 -5.07 4.48
N LEU D 68 -20.54 -5.07 5.50
CA LEU D 68 -19.25 -4.39 5.43
C LEU D 68 -18.19 -5.28 6.10
N PHE D 69 -16.92 -4.92 5.93
CA PHE D 69 -15.83 -5.81 6.33
C PHE D 69 -14.69 -5.03 6.96
N ARG D 70 -14.15 -5.57 8.07
CA ARG D 70 -13.10 -4.92 8.85
C ARG D 70 -12.06 -5.95 9.26
N ASP D 71 -10.87 -5.46 9.61
CA ASP D 71 -9.90 -6.28 10.30
C ASP D 71 -10.46 -6.68 11.67
N ALA D 72 -10.45 -7.99 11.96
CA ALA D 72 -11.12 -8.48 13.16
C ALA D 72 -10.46 -7.98 14.44
N GLY D 73 -9.13 -7.86 14.45
CA GLY D 73 -8.45 -7.49 15.69
C GLY D 73 -8.41 -6.01 15.95
N THR D 74 -8.37 -5.19 14.90
CA THR D 74 -8.17 -3.76 15.01
C THR D 74 -9.33 -2.93 14.50
N HIS D 75 -10.23 -3.53 13.73
CA HIS D 75 -11.35 -2.90 13.06
C HIS D 75 -10.91 -1.89 12.01
N ASP D 76 -9.65 -1.99 11.55
CA ASP D 76 -9.24 -1.25 10.35
C ASP D 76 -10.25 -1.48 9.24
N GLY D 77 -10.53 -0.43 8.46
CA GLY D 77 -11.53 -0.55 7.40
C GLY D 77 -11.01 -1.36 6.22
N LEU D 78 -11.89 -2.19 5.66
CA LEU D 78 -11.57 -2.93 4.45
C LEU D 78 -12.61 -2.63 3.39
N LEU D 79 -12.32 -3.03 2.16
CA LEU D 79 -13.20 -2.82 1.03
C LEU D 79 -13.76 -4.15 0.55
N VAL D 80 -14.94 -4.10 -0.07
CA VAL D 80 -15.53 -5.30 -0.66
C VAL D 80 -15.95 -4.91 -2.07
N ASN D 81 -15.42 -5.64 -3.07
CA ASN D 81 -15.56 -5.25 -4.47
C ASN D 81 -15.28 -3.75 -4.64
N GLN D 82 -14.17 -3.32 -4.04
CA GLN D 82 -13.62 -1.97 -4.16
C GLN D 82 -14.45 -0.89 -3.48
N THR D 83 -15.46 -1.23 -2.68
CA THR D 83 -16.28 -0.21 -2.03
C THR D 83 -16.59 -0.59 -0.57
N GLU D 84 -17.25 0.31 0.16
CA GLU D 84 -17.42 0.06 1.61
C GLU D 84 -18.49 -0.99 1.89
N LEU D 85 -19.60 -0.95 1.17
CA LEU D 85 -20.75 -1.80 1.45
C LEU D 85 -21.02 -2.77 0.31
N PHE D 86 -21.50 -3.96 0.67
CA PHE D 86 -21.83 -5.02 -0.26
C PHE D 86 -23.30 -5.39 -0.08
N VAL D 87 -24.02 -5.47 -1.19
CA VAL D 87 -25.45 -5.77 -1.11
C VAL D 87 -25.76 -6.97 -2.00
N PRO D 88 -26.14 -8.12 -1.44
CA PRO D 88 -26.44 -9.29 -2.28
C PRO D 88 -27.58 -9.01 -3.25
N SER D 89 -27.46 -9.58 -4.45
CA SER D 89 -28.48 -9.51 -5.48
C SER D 89 -29.04 -10.91 -5.72
N LEU D 90 -30.07 -10.99 -6.56
CA LEU D 90 -30.65 -12.28 -6.88
C LEU D 90 -29.66 -13.11 -7.70
N ASN D 91 -29.53 -14.39 -7.34
CA ASN D 91 -28.64 -15.30 -8.06
C ASN D 91 -29.15 -15.51 -9.48
N VAL D 92 -28.26 -15.38 -10.46
CA VAL D 92 -28.62 -15.59 -11.86
C VAL D 92 -28.06 -16.94 -12.30
N ASP D 93 -28.95 -17.86 -12.67
CA ASP D 93 -28.60 -19.20 -13.13
C ASP D 93 -27.80 -19.97 -12.07
N GLY D 94 -28.25 -19.86 -10.81
CA GLY D 94 -27.63 -20.55 -9.70
C GLY D 94 -26.29 -20.02 -9.24
N GLN D 95 -25.70 -19.06 -9.96
CA GLN D 95 -24.33 -18.63 -9.67
C GLN D 95 -24.30 -17.69 -8.47
N PRO D 96 -23.53 -18.00 -7.43
CA PRO D 96 -23.47 -17.10 -6.26
C PRO D 96 -22.76 -15.80 -6.59
N ILE D 97 -23.05 -14.79 -5.76
CA ILE D 97 -22.44 -13.47 -5.90
C ILE D 97 -21.15 -13.43 -5.09
N PHE D 98 -20.08 -12.95 -5.70
CA PHE D 98 -18.78 -12.90 -5.06
C PHE D 98 -18.60 -11.57 -4.33
N ALA D 99 -18.13 -11.65 -3.09
CA ALA D 99 -17.72 -10.50 -2.30
C ALA D 99 -16.21 -10.63 -2.11
N ASN D 100 -15.45 -9.90 -2.93
CA ASN D 100 -14.00 -9.95 -2.92
C ASN D 100 -13.50 -8.88 -1.96
N ILE D 101 -13.00 -9.31 -0.80
CA ILE D 101 -12.61 -8.41 0.26
C ILE D 101 -11.12 -8.11 0.10
N THR D 102 -10.76 -6.83 0.17
CA THR D 102 -9.37 -6.43 -0.06
C THR D 102 -8.95 -5.33 0.90
N LEU D 103 -7.65 -5.13 1.03
CA LEU D 103 -7.19 -3.91 1.67
C LEU D 103 -7.56 -2.71 0.81
N PRO D 104 -7.85 -1.57 1.43
CA PRO D 104 -7.86 -0.31 0.68
C PRO D 104 -6.42 0.16 0.56
N VAL D 105 -6.21 1.21 -0.24
CA VAL D 105 -4.92 1.91 -0.23
C VAL D 105 -4.97 2.88 0.95
N TYR D 106 -4.40 2.47 2.09
CA TYR D 106 -4.37 3.38 3.22
C TYR D 106 -3.43 4.53 2.90
N THR D 107 -3.70 5.69 3.49
CA THR D 107 -2.68 6.73 3.45
C THR D 107 -1.46 6.22 4.22
N LEU D 108 -0.28 6.74 3.87
CA LEU D 108 0.91 6.29 4.58
C LEU D 108 0.78 6.62 6.06
N LYS D 109 0.23 7.78 6.37
CA LYS D 109 0.02 8.19 7.75
C LYS D 109 -0.85 7.19 8.50
N GLU D 110 -1.98 6.79 7.91
N GLU D 110 -2.00 6.83 7.92
CA GLU D 110 -2.84 5.87 8.64
CA GLU D 110 -2.85 5.85 8.61
C GLU D 110 -2.27 4.44 8.68
C GLU D 110 -2.14 4.51 8.75
N ARG D 111 -1.46 4.06 7.70
CA ARG D 111 -0.77 2.78 7.77
C ARG D 111 0.30 2.81 8.87
N CYS D 112 1.01 3.94 9.02
CA CYS D 112 1.97 4.07 10.11
C CYS D 112 1.27 4.00 11.46
N LEU D 113 0.10 4.64 11.58
CA LEU D 113 -0.64 4.59 12.84
C LEU D 113 -1.04 3.16 13.20
N GLN D 114 -1.44 2.37 12.19
CA GLN D 114 -1.81 0.97 12.45
C GLN D 114 -0.64 0.21 13.05
N VAL D 115 0.56 0.39 12.49
CA VAL D 115 1.73 -0.34 12.97
C VAL D 115 2.05 0.10 14.41
N VAL D 116 2.04 1.41 14.65
CA VAL D 116 2.33 1.90 15.99
C VAL D 116 1.29 1.38 16.99
N ARG D 117 0.00 1.44 16.63
CA ARG D 117 -1.03 0.88 17.53
C ARG D 117 -0.79 -0.58 17.84
N SER D 118 -0.32 -1.35 16.87
CA SER D 118 -0.10 -2.76 17.09
C SER D 118 1.06 -3.04 18.06
N LEU D 119 1.95 -2.08 18.27
CA LEU D 119 3.15 -2.28 19.09
C LEU D 119 3.11 -1.56 20.43
N VAL D 120 2.18 -0.65 20.64
CA VAL D 120 2.19 0.23 21.81
C VAL D 120 0.83 0.17 22.47
N LYS D 121 0.80 -0.18 23.75
CA LYS D 121 -0.44 -0.14 24.51
C LYS D 121 -0.99 1.29 24.52
N PRO D 122 -2.31 1.47 24.45
CA PRO D 122 -2.88 2.83 24.44
C PRO D 122 -2.44 3.68 25.61
N GLU D 123 -2.27 3.09 26.79
CA GLU D 123 -1.81 3.86 27.94
C GLU D 123 -0.42 4.44 27.74
N ASN D 124 0.32 3.95 26.74
CA ASN D 124 1.71 4.33 26.50
C ASN D 124 1.89 5.20 25.26
N TYR D 125 0.82 5.52 24.53
CA TYR D 125 0.93 6.38 23.35
C TYR D 125 1.65 7.69 23.67
N ARG D 126 1.27 8.33 24.77
CA ARG D 126 1.78 9.66 25.06
C ARG D 126 3.20 9.64 25.64
N ARG D 127 3.81 8.47 25.71
CA ARG D 127 5.23 8.33 26.04
C ARG D 127 6.12 8.39 24.81
N LEU D 128 5.56 8.26 23.61
CA LEU D 128 6.36 8.27 22.40
C LEU D 128 6.89 9.67 22.10
N ASP D 129 8.14 9.76 21.66
CA ASP D 129 8.74 11.06 21.33
C ASP D 129 8.35 11.44 19.90
N ILE D 130 7.08 11.80 19.75
CA ILE D 130 6.53 12.23 18.47
C ILE D 130 5.75 13.52 18.68
N VAL D 131 5.45 14.19 17.56
CA VAL D 131 4.81 15.49 17.63
C VAL D 131 3.42 15.35 18.27
N ARG D 132 3.01 16.37 19.02
CA ARG D 132 1.88 16.22 19.95
C ARG D 132 0.58 15.85 19.25
N SER D 133 0.31 16.44 18.08
CA SER D 133 -0.95 16.16 17.40
C SER D 133 -1.12 14.68 17.08
N LEU D 134 -0.04 13.91 17.03
CA LEU D 134 -0.14 12.50 16.70
C LEU D 134 -0.67 11.66 17.85
N TYR D 135 -0.62 12.15 19.09
CA TYR D 135 -1.20 11.40 20.19
C TYR D 135 -2.69 11.19 19.97
N GLU D 136 -3.42 12.25 19.64
CA GLU D 136 -4.85 12.11 19.37
C GLU D 136 -5.12 11.27 18.13
N ASP D 137 -4.26 11.33 17.10
CA ASP D 137 -4.44 10.46 15.94
C ASP D 137 -4.33 8.99 16.33
N LEU D 138 -3.40 8.67 17.22
CA LEU D 138 -3.26 7.29 17.68
C LEU D 138 -4.49 6.86 18.45
N GLU D 139 -5.00 7.76 19.30
CA GLU D 139 -6.14 7.45 20.16
C GLU D 139 -7.42 7.29 19.36
N ASP D 140 -7.51 7.92 18.18
CA ASP D 140 -8.70 7.89 17.33
C ASP D 140 -8.69 6.63 16.46
N HIS D 141 -8.79 5.48 17.11
CA HIS D 141 -8.69 4.20 16.41
C HIS D 141 -9.94 3.94 15.56
N PRO D 142 -9.81 3.09 14.53
CA PRO D 142 -10.96 2.82 13.65
C PRO D 142 -12.19 2.36 14.42
N ASN D 143 -13.36 2.79 13.97
CA ASN D 143 -14.61 2.61 14.70
C ASN D 143 -15.78 2.45 13.74
N VAL D 144 -16.46 1.30 13.79
CA VAL D 144 -17.53 1.02 12.81
C VAL D 144 -18.65 2.05 12.89
N GLN D 145 -19.13 2.37 14.10
CA GLN D 145 -20.28 3.27 14.16
C GLN D 145 -19.91 4.67 13.70
N LYS D 146 -18.70 5.13 14.00
CA LYS D 146 -18.27 6.43 13.48
C LYS D 146 -18.16 6.40 11.96
N ASP D 147 -17.73 5.26 11.40
CA ASP D 147 -17.68 5.16 9.94
C ASP D 147 -19.08 5.13 9.35
N LEU D 148 -20.02 4.42 9.99
CA LEU D 148 -21.39 4.41 9.51
C LEU D 148 -22.01 5.81 9.54
N GLU D 149 -21.65 6.62 10.54
CA GLU D 149 -22.20 7.96 10.59
C GLU D 149 -21.61 8.82 9.47
N ARG D 150 -20.34 8.61 9.17
CA ARG D 150 -19.68 9.35 8.10
C ARG D 150 -20.25 8.98 6.73
N LEU D 151 -20.40 7.67 6.48
CA LEU D 151 -20.95 7.21 5.20
C LEU D 151 -22.36 7.73 5.00
N THR D 152 -23.13 7.81 6.08
CA THR D 152 -24.49 8.33 6.00
C THR D 152 -24.48 9.80 5.59
N GLN D 153 -23.61 10.59 6.22
CA GLN D 153 -23.55 12.02 5.92
C GLN D 153 -23.10 12.27 4.48
N GLU D 154 -22.10 11.49 4.02
CA GLU D 154 -21.61 11.64 2.65
C GLU D 154 -22.69 11.29 1.64
N ARG D 155 -23.49 10.27 1.94
CA ARG D 155 -24.58 9.87 1.04
C ARG D 155 -25.62 10.97 0.92
N ILE D 156 -26.03 11.56 2.05
CA ILE D 156 -26.98 12.66 2.03
C ILE D 156 -26.48 13.78 1.13
N ALA D 157 -25.19 14.08 1.19
CA ALA D 157 -24.64 15.19 0.41
C ALA D 157 -24.90 15.00 -1.07
N HIS D 158 -24.77 13.77 -1.55
CA HIS D 158 -25.07 13.47 -2.94
C HIS D 158 -26.58 13.45 -3.12
S SO4 E . 1.44 -4.43 -12.78
O1 SO4 E . 2.68 -5.20 -12.83
O2 SO4 E . 1.76 -3.00 -12.62
O3 SO4 E . 0.69 -4.62 -14.02
O4 SO4 E . 0.64 -4.88 -11.65
C10 F4K F . -15.22 -0.02 5.79
C13 F4K F . -15.92 2.03 6.18
C02 F4K F . -9.78 3.45 5.05
C03 F4K F . -11.14 2.86 5.23
C04 F4K F . -11.88 3.27 6.33
C05 F4K F . -13.14 2.72 6.53
C06 F4K F . -13.63 1.77 5.65
C07 F4K F . -12.89 1.37 4.55
C08 F4K F . -11.62 1.91 4.35
C11 F4K F . -16.58 -0.09 6.07
C12 F4K F . -17.03 1.19 6.32
N09 F4K F . -14.86 1.28 5.86
O01 F4K F . -8.97 3.35 6.16
C1 GOL G . -0.39 -3.94 11.65
O1 GOL G . -1.16 -3.15 10.82
C2 GOL G . -0.24 -5.35 10.99
O2 GOL G . -1.08 -5.52 9.89
C3 GOL G . 1.24 -5.43 10.61
O3 GOL G . 1.34 -4.85 9.36
#